data_8FEN
#
_entry.id   8FEN
#
_cell.length_a   119.059
_cell.length_b   119.059
_cell.length_c   56.988
_cell.angle_alpha   90.00
_cell.angle_beta   90.00
_cell.angle_gamma   90.00
#
_symmetry.space_group_name_H-M   'P 42 21 2'
#
loop_
_entity.id
_entity.type
_entity.pdbx_description
1 polymer 'Panicum virgatum Dihydroflavonol 4-Reductase'
2 non-polymer 'NADP NICOTINAMIDE-ADENINE-DINUCLEOTIDE PHOSPHATE'
3 non-polymer (2R,3R)-2-(3,4-DIHYDROXYPHENYL)-3,5,7-TRIHYDROXY-2,3-DIHYDRO-4H-CHROMEN-4-ONE
4 water water
#
_entity_poly.entity_id   1
_entity_poly.type   'polypeptide(L)'
_entity_poly.pdbx_seq_one_letter_code
;MAEVIVSGGGEAMEGGAAAKGPVVVTGAAGFVGSWLVRKLLRAGYAVRATVRDPANVGKTKPLLDLPGAAERLSIWKADL
TEEGSFDDAIKGCTGVFHVATPMDFESKDPENEVIKPTVEGVLSIMRACKEAGTVRRVVFTSTAGAVNVEERQKPVYDEN
NWSDVDFCRRVKMTGWMYFVSKTLADKAAIAYAAEHGMDLISVIPPLVIGPFISAGMPPSLLTALALITGNEPHYSILKQ
VQFVHLDDLCDAEIFLFEHPAAAGRYVCSSHATTIHGLAAMLRERYPEYRIPERFRGIDDGDLQPVHFSSKKLLDLGFAF
KYTVEDMYDAAIRTCREKGLIPLATAGGDGPGETDAALGREGPAIG
;
_entity_poly.pdbx_strand_id   A
#
loop_
_chem_comp.id
_chem_comp.type
_chem_comp.name
_chem_comp.formula
DQH non-polymer (2R,3R)-2-(3,4-DIHYDROXYPHENYL)-3,5,7-TRIHYDROXY-2,3-DIHYDRO-4H-CHROMEN-4-ONE 'C15 H12 O7'
NAP non-polymer 'NADP NICOTINAMIDE-ADENINE-DINUCLEOTIDE PHOSPHATE' 'C21 H28 N7 O17 P3'
#
# COMPACT_ATOMS: atom_id res chain seq x y z
N ALA A 17 25.32 -6.63 -16.92
CA ALA A 17 24.79 -5.31 -17.26
C ALA A 17 24.97 -4.36 -16.08
N ALA A 18 24.57 -3.11 -16.27
CA ALA A 18 24.62 -2.08 -15.24
C ALA A 18 23.26 -1.98 -14.54
N ALA A 19 23.27 -1.37 -13.36
CA ALA A 19 22.05 -1.16 -12.61
C ALA A 19 21.03 -0.43 -13.47
N LYS A 20 19.76 -0.83 -13.36
CA LYS A 20 18.74 -0.35 -14.28
C LYS A 20 18.18 1.01 -13.88
N GLY A 21 19.07 1.98 -13.66
CA GLY A 21 18.66 3.34 -13.38
C GLY A 21 18.27 3.54 -11.94
N PRO A 22 18.91 4.49 -11.26
CA PRO A 22 18.65 4.67 -9.83
C PRO A 22 17.19 5.06 -9.59
N VAL A 23 16.54 4.32 -8.68
CA VAL A 23 15.16 4.60 -8.30
C VAL A 23 15.10 4.80 -6.80
N VAL A 24 14.14 5.60 -6.35
CA VAL A 24 13.93 5.87 -4.94
C VAL A 24 12.69 5.13 -4.46
N VAL A 25 12.75 4.62 -3.24
CA VAL A 25 11.60 4.04 -2.56
C VAL A 25 11.45 4.79 -1.24
N THR A 26 10.40 5.59 -1.10
CA THR A 26 10.12 6.23 0.17
C THR A 26 9.48 5.23 1.13
N GLY A 27 9.69 5.45 2.42
CA GLY A 27 9.16 4.55 3.43
C GLY A 27 9.70 3.14 3.33
N ALA A 28 10.98 3.02 3.00
CA ALA A 28 11.54 1.70 2.71
C ALA A 28 11.54 0.78 3.93
N ALA A 29 11.47 1.32 5.14
CA ALA A 29 11.49 0.47 6.32
C ALA A 29 10.14 -0.18 6.60
N GLY A 30 9.10 0.16 5.83
CA GLY A 30 7.75 -0.28 6.13
C GLY A 30 7.41 -1.62 5.50
N PHE A 31 6.17 -2.05 5.80
CA PHE A 31 5.64 -3.30 5.29
C PHE A 31 5.73 -3.36 3.77
N VAL A 32 5.05 -2.44 3.08
CA VAL A 32 5.09 -2.44 1.62
C VAL A 32 6.47 -2.02 1.12
N GLY A 33 7.00 -0.92 1.65
CA GLY A 33 8.22 -0.35 1.09
C GLY A 33 9.41 -1.28 1.18
N SER A 34 9.52 -2.02 2.29
CA SER A 34 10.65 -2.93 2.44
C SER A 34 10.60 -4.03 1.39
N TRP A 35 9.41 -4.55 1.11
CA TRP A 35 9.29 -5.61 0.11
C TRP A 35 9.53 -5.08 -1.29
N LEU A 36 9.01 -3.89 -1.60
CA LEU A 36 9.28 -3.31 -2.91
C LEU A 36 10.76 -3.10 -3.12
N VAL A 37 11.47 -2.65 -2.07
CA VAL A 37 12.91 -2.51 -2.16
C VAL A 37 13.54 -3.86 -2.51
N ARG A 38 13.09 -4.91 -1.83
CA ARG A 38 13.57 -6.25 -2.15
C ARG A 38 13.34 -6.58 -3.61
N LYS A 39 12.11 -6.40 -4.09
CA LYS A 39 11.78 -6.81 -5.45
C LYS A 39 12.51 -5.95 -6.47
N LEU A 40 12.67 -4.66 -6.19
CA LEU A 40 13.43 -3.81 -7.11
C LEU A 40 14.90 -4.22 -7.16
N LEU A 41 15.45 -4.66 -6.03
CA LEU A 41 16.82 -5.17 -6.03
C LEU A 41 16.93 -6.43 -6.89
N ARG A 42 16.00 -7.37 -6.69
CA ARG A 42 16.01 -8.59 -7.50
C ARG A 42 15.88 -8.29 -8.99
N ALA A 43 15.18 -7.22 -9.33
CA ALA A 43 14.94 -6.89 -10.74
C ALA A 43 16.12 -6.19 -11.39
N GLY A 44 17.19 -5.94 -10.65
CA GLY A 44 18.40 -5.36 -11.21
C GLY A 44 18.55 -3.87 -11.03
N TYR A 45 17.78 -3.25 -10.14
CA TYR A 45 17.82 -1.81 -9.96
C TYR A 45 18.84 -1.42 -8.88
N ALA A 46 19.41 -0.24 -9.05
CA ALA A 46 20.04 0.47 -7.95
C ALA A 46 18.94 1.17 -7.16
N VAL A 47 18.81 0.85 -5.86
CA VAL A 47 17.70 1.31 -5.05
C VAL A 47 18.20 2.32 -4.02
N ARG A 48 17.57 3.48 -3.99
CA ARG A 48 17.83 4.50 -2.96
C ARG A 48 16.66 4.47 -1.99
N ALA A 49 16.84 3.75 -0.88
CA ALA A 49 15.78 3.56 0.11
C ALA A 49 15.79 4.70 1.11
N THR A 50 14.61 5.28 1.34
CA THR A 50 14.47 6.41 2.24
C THR A 50 13.88 5.97 3.57
N VAL A 51 14.38 6.58 4.65
CA VAL A 51 13.88 6.32 6.00
C VAL A 51 14.02 7.61 6.79
N ARG A 52 13.25 7.72 7.87
CA ARG A 52 13.32 8.93 8.69
C ARG A 52 14.57 8.93 9.56
N ASP A 53 14.98 7.76 10.06
CA ASP A 53 16.22 7.67 10.83
C ASP A 53 17.09 6.54 10.26
N PRO A 54 18.07 6.88 9.38
CA PRO A 54 19.03 5.85 8.90
C PRO A 54 19.78 5.14 10.04
N ALA A 55 19.66 5.65 11.27
CA ALA A 55 20.47 5.15 12.39
C ALA A 55 19.76 4.02 13.12
N ASN A 56 18.41 4.10 13.23
CA ASN A 56 17.65 3.01 13.83
C ASN A 56 17.96 1.70 13.09
N VAL A 57 18.89 0.92 13.66
CA VAL A 57 19.33 -0.32 13.02
C VAL A 57 18.20 -1.34 13.01
N GLY A 58 17.36 -1.35 14.07
CA GLY A 58 16.23 -2.29 14.07
C GLY A 58 15.37 -2.16 12.83
N LYS A 59 15.22 -0.94 12.32
CA LYS A 59 14.42 -0.67 11.14
C LYS A 59 15.23 -0.74 9.85
N THR A 60 16.52 -0.37 9.91
CA THR A 60 17.35 -0.31 8.71
C THR A 60 18.08 -1.61 8.43
N LYS A 61 18.46 -2.35 9.47
CA LYS A 61 19.25 -3.56 9.26
C LYS A 61 18.54 -4.56 8.35
N PRO A 62 17.27 -4.91 8.56
CA PRO A 62 16.62 -5.86 7.65
C PRO A 62 16.72 -5.47 6.19
N LEU A 63 16.83 -4.17 5.88
CA LEU A 63 16.99 -3.74 4.50
C LEU A 63 18.39 -4.06 3.99
N LEU A 64 19.42 -3.70 4.77
CA LEU A 64 20.80 -3.94 4.35
C LEU A 64 21.10 -5.43 4.22
N ASP A 65 20.35 -6.28 4.93
CA ASP A 65 20.53 -7.73 4.83
C ASP A 65 19.90 -8.32 3.58
N LEU A 66 19.27 -7.50 2.74
CA LEU A 66 18.53 -8.02 1.60
C LEU A 66 19.49 -8.50 0.51
N PRO A 67 19.11 -9.54 -0.24
CA PRO A 67 19.98 -10.03 -1.33
C PRO A 67 20.28 -8.94 -2.34
N GLY A 68 21.57 -8.61 -2.48
CA GLY A 68 22.00 -7.60 -3.42
C GLY A 68 22.07 -6.20 -2.87
N ALA A 69 21.73 -6.00 -1.60
CA ALA A 69 21.75 -4.66 -1.04
C ALA A 69 23.17 -4.13 -0.88
N ALA A 70 24.14 -5.03 -0.65
CA ALA A 70 25.51 -4.59 -0.46
C ALA A 70 26.02 -3.84 -1.68
N GLU A 71 25.60 -4.26 -2.88
CA GLU A 71 26.10 -3.66 -4.11
C GLU A 71 25.22 -2.53 -4.62
N ARG A 72 23.91 -2.62 -4.42
CA ARG A 72 22.99 -1.71 -5.10
C ARG A 72 21.93 -1.09 -4.19
N LEU A 73 22.08 -1.18 -2.87
CA LEU A 73 21.19 -0.49 -1.95
C LEU A 73 21.96 0.61 -1.24
N SER A 74 21.32 1.76 -1.06
CA SER A 74 21.82 2.86 -0.25
C SER A 74 20.65 3.41 0.54
N ILE A 75 20.91 3.82 1.78
CA ILE A 75 19.86 4.33 2.67
C ILE A 75 20.01 5.84 2.80
N TRP A 76 18.88 6.55 2.77
CA TRP A 76 18.86 7.99 2.83
C TRP A 76 17.89 8.47 3.88
N LYS A 77 18.20 9.61 4.49
CA LYS A 77 17.35 10.23 5.49
C LYS A 77 16.42 11.23 4.80
N ALA A 78 15.13 11.13 5.07
CA ALA A 78 14.16 12.06 4.52
C ALA A 78 12.88 11.96 5.35
N ASP A 79 12.13 13.07 5.38
CA ASP A 79 10.90 13.15 6.14
C ASP A 79 9.92 14.01 5.36
N LEU A 80 8.70 13.49 5.17
CA LEU A 80 7.71 14.20 4.35
C LEU A 80 7.34 15.56 4.92
N THR A 81 7.69 15.84 6.17
CA THR A 81 7.38 17.11 6.80
C THR A 81 8.52 18.11 6.69
N GLU A 82 9.65 17.72 6.12
CA GLU A 82 10.82 18.57 5.97
C GLU A 82 11.03 18.83 4.49
N GLU A 83 10.85 20.08 4.07
CA GLU A 83 10.97 20.42 2.66
C GLU A 83 12.41 20.27 2.19
N GLY A 84 12.58 19.63 1.03
CA GLY A 84 13.90 19.37 0.50
C GLY A 84 14.57 18.15 1.08
N SER A 85 14.00 17.53 2.11
CA SER A 85 14.62 16.36 2.70
C SER A 85 14.82 15.26 1.68
N PHE A 86 14.11 15.29 0.56
CA PHE A 86 14.17 14.24 -0.44
C PHE A 86 15.00 14.62 -1.67
N ASP A 87 15.42 15.87 -1.80
CA ASP A 87 16.04 16.31 -3.05
C ASP A 87 17.31 15.52 -3.37
N ASP A 88 18.17 15.33 -2.38
CA ASP A 88 19.42 14.63 -2.61
C ASP A 88 19.17 13.20 -3.08
N ALA A 89 18.27 12.49 -2.41
CA ALA A 89 18.01 11.10 -2.78
C ALA A 89 17.42 10.99 -4.18
N ILE A 90 16.67 12.00 -4.62
CA ILE A 90 16.00 11.92 -5.91
C ILE A 90 16.90 12.35 -7.07
N LYS A 91 17.83 13.27 -6.83
CA LYS A 91 18.69 13.77 -7.89
C LYS A 91 19.40 12.63 -8.61
N GLY A 92 19.22 12.58 -9.92
CA GLY A 92 19.86 11.55 -10.71
C GLY A 92 19.10 10.25 -10.82
N CYS A 93 17.89 10.18 -10.27
CA CYS A 93 17.07 8.98 -10.35
C CYS A 93 16.18 9.03 -11.59
N THR A 94 15.85 7.85 -12.11
CA THR A 94 14.92 7.73 -13.21
C THR A 94 13.48 7.55 -12.76
N GLY A 95 13.26 7.10 -11.52
CA GLY A 95 11.91 6.88 -11.02
C GLY A 95 11.87 6.98 -9.52
N VAL A 96 10.66 7.23 -9.00
CA VAL A 96 10.44 7.39 -7.57
C VAL A 96 9.15 6.66 -7.21
N PHE A 97 9.24 5.72 -6.26
CA PHE A 97 8.08 5.00 -5.74
C PHE A 97 7.71 5.61 -4.39
N HIS A 98 6.69 6.46 -4.38
CA HIS A 98 6.25 7.10 -3.14
C HIS A 98 5.34 6.15 -2.39
N VAL A 99 5.87 5.51 -1.35
CA VAL A 99 5.10 4.59 -0.53
C VAL A 99 4.88 5.10 0.88
N ALA A 100 5.73 6.00 1.38
CA ALA A 100 5.57 6.50 2.73
C ALA A 100 4.31 7.35 2.86
N THR A 101 3.64 7.23 4.00
CA THR A 101 2.49 8.08 4.29
C THR A 101 2.35 8.20 5.80
N PRO A 102 1.96 9.36 6.32
CA PRO A 102 1.68 9.45 7.77
C PRO A 102 0.65 8.41 8.17
N MET A 103 0.96 7.64 9.21
CA MET A 103 0.08 6.59 9.69
C MET A 103 -0.44 6.85 11.10
N ASP A 104 -0.32 8.09 11.58
CA ASP A 104 -0.88 8.48 12.87
C ASP A 104 -2.34 8.89 12.67
N PHE A 105 -3.24 8.24 13.40
CA PHE A 105 -4.68 8.47 13.27
C PHE A 105 -5.34 8.53 14.64
N GLU A 106 -4.55 8.80 15.67
CA GLU A 106 -5.03 9.10 17.02
C GLU A 106 -4.83 10.57 17.27
N SER A 107 -5.23 11.40 16.30
CA SER A 107 -4.99 12.83 16.33
C SER A 107 -6.22 13.59 16.79
N LYS A 108 -5.99 14.75 17.41
CA LYS A 108 -7.04 15.68 17.75
C LYS A 108 -7.09 16.87 16.81
N ASP A 109 -6.12 16.98 15.90
CA ASP A 109 -6.17 17.95 14.81
C ASP A 109 -5.97 17.24 13.47
N PRO A 110 -6.76 16.17 13.21
CA PRO A 110 -6.53 15.36 12.00
C PRO A 110 -6.12 16.16 10.78
N GLU A 111 -6.78 17.29 10.56
CA GLU A 111 -6.52 18.12 9.39
C GLU A 111 -5.06 18.55 9.33
N ASN A 112 -4.63 19.36 10.30
CA ASN A 112 -3.28 19.92 10.27
C ASN A 112 -2.20 18.92 10.68
N GLU A 113 -2.58 17.71 11.11
CA GLU A 113 -1.63 16.74 11.60
C GLU A 113 -1.59 15.46 10.77
N VAL A 114 -2.57 15.22 9.90
CA VAL A 114 -2.59 14.00 9.10
C VAL A 114 -2.89 14.34 7.65
N ILE A 115 -3.91 15.16 7.42
CA ILE A 115 -4.40 15.43 6.08
C ILE A 115 -3.44 16.34 5.33
N LYS A 116 -3.42 17.62 5.70
CA LYS A 116 -2.50 18.56 5.08
C LYS A 116 -1.07 18.03 5.01
N PRO A 117 -0.53 17.40 6.06
CA PRO A 117 0.83 16.84 5.92
C PRO A 117 0.93 15.78 4.85
N THR A 118 -0.06 14.88 4.75
CA THR A 118 -0.04 13.87 3.69
C THR A 118 -0.09 14.52 2.32
N VAL A 119 -0.91 15.56 2.17
CA VAL A 119 -1.04 16.22 0.86
C VAL A 119 0.20 17.04 0.57
N GLU A 120 0.75 17.71 1.58
CA GLU A 120 1.93 18.54 1.35
C GLU A 120 3.18 17.69 1.16
N GLY A 121 3.20 16.49 1.74
CA GLY A 121 4.35 15.62 1.57
C GLY A 121 4.43 15.02 0.18
N VAL A 122 3.27 14.69 -0.41
CA VAL A 122 3.28 14.14 -1.75
C VAL A 122 3.59 15.23 -2.77
N LEU A 123 3.07 16.44 -2.57
CA LEU A 123 3.34 17.53 -3.49
C LEU A 123 4.82 17.92 -3.45
N SER A 124 5.42 17.92 -2.26
CA SER A 124 6.85 18.19 -2.16
C SER A 124 7.66 17.13 -2.89
N ILE A 125 7.24 15.86 -2.77
CA ILE A 125 7.89 14.80 -3.54
C ILE A 125 7.78 15.10 -5.04
N MET A 126 6.58 15.45 -5.49
CA MET A 126 6.39 15.78 -6.90
C MET A 126 7.26 16.97 -7.31
N ARG A 127 7.30 18.00 -6.46
CA ARG A 127 8.16 19.16 -6.74
C ARG A 127 9.62 18.73 -6.84
N ALA A 128 10.10 17.93 -5.88
CA ALA A 128 11.46 17.44 -5.93
C ALA A 128 11.72 16.67 -7.23
N CYS A 129 10.76 15.86 -7.65
CA CYS A 129 10.93 15.08 -8.87
C CYS A 129 11.06 15.99 -10.09
N LYS A 130 10.21 17.01 -10.20
CA LYS A 130 10.28 17.91 -11.33
C LYS A 130 11.60 18.66 -11.36
N GLU A 131 12.07 19.14 -10.20
CA GLU A 131 13.31 19.92 -10.15
C GLU A 131 14.54 19.06 -10.32
N ALA A 132 14.49 17.79 -9.88
CA ALA A 132 15.57 16.87 -10.18
C ALA A 132 15.87 16.86 -11.67
N GLY A 133 14.82 16.83 -12.49
CA GLY A 133 14.96 16.83 -13.93
C GLY A 133 15.32 15.49 -14.54
N THR A 134 15.74 14.52 -13.74
CA THR A 134 16.16 13.22 -14.24
C THR A 134 15.07 12.15 -14.14
N VAL A 135 13.97 12.44 -13.44
CA VAL A 135 12.93 11.45 -13.23
C VAL A 135 12.02 11.40 -14.44
N ARG A 136 11.78 10.19 -14.94
CA ARG A 136 10.85 10.04 -16.06
C ARG A 136 9.45 9.66 -15.59
N ARG A 137 9.32 9.03 -14.43
CA ARG A 137 8.02 8.55 -14.00
C ARG A 137 7.97 8.41 -12.49
N VAL A 138 6.86 8.84 -11.89
CA VAL A 138 6.61 8.71 -10.46
C VAL A 138 5.50 7.69 -10.27
N VAL A 139 5.70 6.76 -9.34
CA VAL A 139 4.71 5.76 -8.99
C VAL A 139 4.25 6.07 -7.57
N PHE A 140 3.02 6.55 -7.44
CA PHE A 140 2.43 6.83 -6.15
C PHE A 140 1.57 5.65 -5.72
N THR A 141 1.80 5.16 -4.51
CA THR A 141 0.97 4.12 -3.94
C THR A 141 -0.23 4.79 -3.25
N SER A 142 -1.42 4.54 -3.77
CA SER A 142 -2.64 5.07 -3.18
C SER A 142 -3.26 4.03 -2.26
N THR A 143 -4.59 4.02 -2.16
CA THR A 143 -5.29 3.05 -1.32
C THR A 143 -6.71 2.90 -1.86
N ALA A 144 -7.33 1.76 -1.53
CA ALA A 144 -8.72 1.56 -1.91
C ALA A 144 -9.65 2.55 -1.21
N GLY A 145 -9.22 3.08 -0.07
CA GLY A 145 -9.99 4.09 0.63
C GLY A 145 -10.11 5.41 -0.10
N ALA A 146 -9.40 5.56 -1.22
CA ALA A 146 -9.54 6.72 -2.08
C ALA A 146 -10.48 6.46 -3.25
N VAL A 147 -11.19 5.34 -3.23
CA VAL A 147 -12.01 4.91 -4.35
C VAL A 147 -13.46 4.68 -3.93
N ASN A 148 -13.68 3.84 -2.91
CA ASN A 148 -14.99 3.26 -2.66
C ASN A 148 -15.59 3.66 -1.32
N VAL A 149 -15.12 4.74 -0.71
CA VAL A 149 -15.67 5.21 0.56
C VAL A 149 -16.72 6.27 0.22
N GLU A 150 -17.97 5.83 0.14
CA GLU A 150 -19.09 6.71 -0.15
C GLU A 150 -20.32 6.19 0.58
N GLU A 151 -21.38 6.99 0.58
CA GLU A 151 -22.57 6.62 1.33
C GLU A 151 -23.18 5.32 0.80
N ARG A 152 -23.45 5.26 -0.50
CA ARG A 152 -24.08 4.10 -1.12
C ARG A 152 -23.03 3.30 -1.88
N GLN A 153 -22.71 2.11 -1.36
CA GLN A 153 -21.68 1.28 -1.97
C GLN A 153 -22.16 0.68 -3.28
N LYS A 154 -21.33 0.79 -4.32
CA LYS A 154 -21.63 0.18 -5.61
C LYS A 154 -21.19 -1.28 -5.62
N PRO A 155 -21.57 -2.04 -6.64
CA PRO A 155 -21.17 -3.46 -6.69
C PRO A 155 -19.82 -3.68 -7.35
N VAL A 156 -19.35 -2.69 -8.10
CA VAL A 156 -18.05 -2.75 -8.75
C VAL A 156 -17.40 -1.37 -8.69
N TYR A 157 -16.10 -1.34 -8.40
CA TYR A 157 -15.33 -0.11 -8.40
C TYR A 157 -14.10 -0.30 -9.27
N ASP A 158 -13.64 0.81 -9.85
CA ASP A 158 -12.41 0.80 -10.64
C ASP A 158 -11.74 2.17 -10.47
N GLU A 159 -10.72 2.42 -11.31
CA GLU A 159 -9.88 3.60 -11.11
C GLU A 159 -10.60 4.91 -11.38
N ASN A 160 -11.80 4.87 -11.93
CA ASN A 160 -12.57 6.08 -12.18
C ASN A 160 -13.40 6.52 -10.99
N ASN A 161 -13.63 5.64 -10.01
CA ASN A 161 -14.38 5.97 -8.82
C ASN A 161 -13.46 6.61 -7.79
N TRP A 162 -13.98 7.62 -7.09
CA TRP A 162 -13.23 8.32 -6.05
C TRP A 162 -14.08 8.37 -4.78
N SER A 163 -13.40 8.27 -3.63
CA SER A 163 -14.10 8.37 -2.36
C SER A 163 -14.72 9.76 -2.21
N ASP A 164 -15.75 9.83 -1.37
CA ASP A 164 -16.46 11.08 -1.10
C ASP A 164 -15.83 11.71 0.15
N VAL A 165 -14.98 12.72 -0.06
CA VAL A 165 -14.30 13.34 1.06
C VAL A 165 -15.30 14.00 2.01
N ASP A 166 -16.27 14.74 1.45
CA ASP A 166 -17.27 15.39 2.28
C ASP A 166 -18.00 14.38 3.16
N PHE A 167 -18.37 13.24 2.59
CA PHE A 167 -19.05 12.21 3.36
C PHE A 167 -18.14 11.67 4.47
N CYS A 168 -16.84 11.57 4.18
CA CYS A 168 -15.90 11.12 5.21
C CYS A 168 -15.85 12.10 6.37
N ARG A 169 -15.76 13.40 6.07
CA ARG A 169 -15.71 14.40 7.13
C ARG A 169 -17.04 14.54 7.84
N ARG A 170 -18.14 14.13 7.22
CA ARG A 170 -19.45 14.28 7.83
C ARG A 170 -19.68 13.20 8.89
N VAL A 171 -19.67 11.93 8.49
CA VAL A 171 -19.96 10.86 9.43
C VAL A 171 -18.73 10.42 10.21
N LYS A 172 -17.53 10.73 9.72
CA LYS A 172 -16.28 10.47 10.43
C LYS A 172 -16.21 9.03 10.93
N MET A 173 -16.45 8.09 10.02
CA MET A 173 -16.25 6.69 10.34
C MET A 173 -14.82 6.45 10.83
N THR A 174 -14.61 5.29 11.46
CA THR A 174 -13.28 4.96 11.93
C THR A 174 -12.31 4.92 10.76
N GLY A 175 -11.21 5.64 10.88
CA GLY A 175 -10.24 5.74 9.81
C GLY A 175 -10.56 6.79 8.76
N TRP A 176 -11.43 7.75 9.08
CA TRP A 176 -11.86 8.72 8.08
C TRP A 176 -10.72 9.62 7.64
N MET A 177 -9.88 10.08 8.58
CA MET A 177 -8.83 11.01 8.21
C MET A 177 -7.84 10.39 7.24
N TYR A 178 -7.63 9.08 7.29
CA TYR A 178 -6.70 8.43 6.39
C TYR A 178 -7.23 8.37 4.99
N PHE A 179 -8.52 8.09 4.86
CA PHE A 179 -9.13 8.02 3.57
C PHE A 179 -9.07 9.37 2.91
N VAL A 180 -9.37 10.39 3.67
CA VAL A 180 -9.37 11.71 3.12
C VAL A 180 -7.96 12.16 2.85
N SER A 181 -7.03 11.76 3.69
CA SER A 181 -5.64 12.09 3.48
C SER A 181 -5.18 11.54 2.17
N LYS A 182 -5.47 10.28 1.94
CA LYS A 182 -5.01 9.62 0.75
C LYS A 182 -5.79 9.97 -0.51
N THR A 183 -7.04 10.38 -0.36
CA THR A 183 -7.84 10.69 -1.52
C THR A 183 -7.43 12.04 -2.01
N LEU A 184 -7.18 12.96 -1.08
CA LEU A 184 -6.70 14.28 -1.48
C LEU A 184 -5.27 14.20 -2.01
N ALA A 185 -4.43 13.40 -1.34
CA ALA A 185 -3.05 13.24 -1.81
C ALA A 185 -3.03 12.65 -3.22
N ASP A 186 -3.94 11.71 -3.50
CA ASP A 186 -4.03 11.14 -4.84
C ASP A 186 -4.44 12.19 -5.86
N LYS A 187 -5.50 12.94 -5.56
CA LYS A 187 -5.95 14.00 -6.46
C LYS A 187 -4.88 15.07 -6.63
N ALA A 188 -4.19 15.42 -5.54
CA ALA A 188 -3.17 16.45 -5.60
C ALA A 188 -2.03 16.03 -6.53
N ALA A 189 -1.49 14.82 -6.33
CA ALA A 189 -0.41 14.35 -7.17
C ALA A 189 -0.81 14.36 -8.64
N ILE A 190 -2.03 13.89 -8.95
CA ILE A 190 -2.48 13.83 -10.34
C ILE A 190 -2.57 15.23 -10.93
N ALA A 191 -3.11 16.17 -10.16
CA ALA A 191 -3.24 17.54 -10.66
C ALA A 191 -1.87 18.16 -10.92
N TYR A 192 -0.95 18.03 -9.96
CA TYR A 192 0.40 18.57 -10.15
C TYR A 192 1.06 17.94 -11.37
N ALA A 193 0.91 16.62 -11.53
CA ALA A 193 1.51 15.96 -12.68
C ALA A 193 0.91 16.46 -13.98
N ALA A 194 -0.41 16.66 -14.01
CA ALA A 194 -1.05 17.15 -15.22
C ALA A 194 -0.63 18.59 -15.51
N GLU A 195 -0.51 19.41 -14.47
CA GLU A 195 -0.17 20.82 -14.67
C GLU A 195 1.26 20.99 -15.14
N HIS A 196 2.16 20.07 -14.78
CA HIS A 196 3.57 20.18 -15.10
C HIS A 196 4.04 19.11 -16.08
N GLY A 197 3.10 18.45 -16.78
CA GLY A 197 3.48 17.48 -17.77
C GLY A 197 4.36 16.36 -17.27
N MET A 198 4.11 15.89 -16.05
CA MET A 198 4.88 14.80 -15.46
C MET A 198 4.15 13.48 -15.67
N ASP A 199 4.93 12.42 -15.80
CA ASP A 199 4.40 11.07 -15.98
C ASP A 199 4.20 10.45 -14.60
N LEU A 200 2.94 10.30 -14.19
CA LEU A 200 2.61 9.78 -12.87
C LEU A 200 1.73 8.55 -13.00
N ILE A 201 2.14 7.48 -12.34
CA ILE A 201 1.33 6.27 -12.18
C ILE A 201 0.80 6.27 -10.76
N SER A 202 -0.48 5.92 -10.60
CA SER A 202 -1.15 5.85 -9.31
C SER A 202 -1.68 4.44 -9.13
N VAL A 203 -1.18 3.72 -8.14
CA VAL A 203 -1.51 2.31 -7.92
C VAL A 203 -2.40 2.20 -6.69
N ILE A 204 -3.54 1.55 -6.84
CA ILE A 204 -4.55 1.44 -5.80
C ILE A 204 -4.54 -0.01 -5.28
N PRO A 205 -3.99 -0.26 -4.10
CA PRO A 205 -4.10 -1.60 -3.52
C PRO A 205 -5.24 -1.68 -2.52
N PRO A 206 -5.92 -2.83 -2.43
CA PRO A 206 -6.81 -3.08 -1.27
C PRO A 206 -6.00 -3.49 -0.05
N LEU A 207 -6.58 -4.29 0.83
CA LEU A 207 -5.81 -4.82 1.95
C LEU A 207 -4.71 -5.75 1.44
N VAL A 208 -3.47 -5.48 1.84
CA VAL A 208 -2.31 -6.20 1.35
C VAL A 208 -1.92 -7.26 2.37
N ILE A 209 -1.75 -8.49 1.91
CA ILE A 209 -1.38 -9.61 2.75
C ILE A 209 -0.14 -10.28 2.17
N GLY A 210 0.82 -10.59 3.03
CA GLY A 210 2.00 -11.30 2.61
C GLY A 210 3.06 -11.38 3.69
N PRO A 211 4.24 -11.88 3.32
CA PRO A 211 5.37 -11.85 4.26
C PRO A 211 5.70 -10.42 4.66
N PHE A 212 6.39 -10.30 5.80
CA PHE A 212 6.90 -9.02 6.26
C PHE A 212 8.28 -9.25 6.88
N ILE A 213 9.12 -8.22 6.81
CA ILE A 213 10.49 -8.32 7.30
C ILE A 213 10.67 -7.69 8.68
N SER A 214 9.77 -6.82 9.10
CA SER A 214 9.85 -6.22 10.41
C SER A 214 9.69 -7.29 11.49
N ALA A 215 9.88 -6.88 12.75
CA ALA A 215 9.56 -7.72 13.89
C ALA A 215 8.26 -7.30 14.56
N GLY A 216 7.44 -6.54 13.86
CA GLY A 216 6.14 -6.13 14.38
C GLY A 216 5.07 -6.38 13.36
N MET A 217 3.90 -6.78 13.84
CA MET A 217 2.83 -7.17 12.93
C MET A 217 2.43 -5.99 12.05
N PRO A 218 2.43 -6.13 10.72
CA PRO A 218 1.87 -5.09 9.86
C PRO A 218 0.42 -4.84 10.19
N PRO A 219 -0.03 -3.58 10.16
CA PRO A 219 -1.45 -3.32 10.49
C PRO A 219 -2.42 -4.08 9.60
N SER A 220 -2.11 -4.23 8.30
CA SER A 220 -3.03 -4.92 7.40
C SER A 220 -3.17 -6.40 7.73
N LEU A 221 -2.17 -7.00 8.39
CA LEU A 221 -2.29 -8.39 8.82
C LEU A 221 -3.04 -8.54 10.13
N LEU A 222 -3.08 -7.50 10.95
CA LEU A 222 -4.01 -7.50 12.08
C LEU A 222 -5.43 -7.66 11.60
N THR A 223 -5.82 -6.87 10.59
CA THR A 223 -7.15 -7.00 10.01
C THR A 223 -7.33 -8.35 9.33
N ALA A 224 -6.41 -8.70 8.43
CA ALA A 224 -6.53 -9.95 7.69
C ALA A 224 -6.67 -11.15 8.63
N LEU A 225 -6.01 -11.12 9.78
CA LEU A 225 -6.00 -12.24 10.71
C LEU A 225 -6.88 -12.00 11.93
N ALA A 226 -7.84 -11.08 11.83
CA ALA A 226 -8.70 -10.79 12.98
C ALA A 226 -9.69 -11.93 13.27
N LEU A 227 -9.90 -12.83 12.32
CA LEU A 227 -10.84 -13.93 12.56
C LEU A 227 -10.17 -15.10 13.28
N ILE A 228 -8.87 -15.30 13.07
CA ILE A 228 -8.16 -16.34 13.81
C ILE A 228 -7.88 -15.88 15.23
N THR A 229 -7.31 -14.69 15.38
CA THR A 229 -7.21 -14.04 16.68
C THR A 229 -8.61 -13.71 17.15
N GLY A 230 -8.76 -12.61 17.89
CA GLY A 230 -10.07 -12.18 18.32
C GLY A 230 -10.29 -10.70 18.14
N ASN A 231 -9.58 -10.11 17.18
CA ASN A 231 -9.61 -8.65 16.97
C ASN A 231 -10.98 -8.26 16.43
N GLU A 232 -11.95 -8.25 17.33
CA GLU A 232 -13.31 -7.90 16.93
C GLU A 232 -13.44 -6.48 16.37
N PRO A 233 -12.64 -5.49 16.80
CA PRO A 233 -12.73 -4.16 16.15
C PRO A 233 -12.34 -4.16 14.69
N HIS A 234 -11.71 -5.23 14.19
CA HIS A 234 -11.35 -5.34 12.78
C HIS A 234 -12.40 -6.07 11.95
N TYR A 235 -13.48 -6.56 12.58
CA TYR A 235 -14.46 -7.34 11.84
C TYR A 235 -15.19 -6.51 10.80
N SER A 236 -15.49 -5.25 11.12
CA SER A 236 -16.22 -4.39 10.19
C SER A 236 -15.45 -4.20 8.89
N ILE A 237 -14.11 -4.17 8.96
CA ILE A 237 -13.32 -4.04 7.75
C ILE A 237 -13.48 -5.27 6.87
N LEU A 238 -13.43 -6.46 7.46
CA LEU A 238 -13.55 -7.69 6.69
C LEU A 238 -14.95 -7.93 6.16
N LYS A 239 -15.95 -7.16 6.61
CA LYS A 239 -17.32 -7.37 6.16
C LYS A 239 -17.38 -7.51 4.64
N GLN A 240 -16.99 -6.46 3.93
CA GLN A 240 -16.87 -6.47 2.47
C GLN A 240 -15.45 -6.01 2.15
N VAL A 241 -14.57 -6.95 1.80
CA VAL A 241 -13.14 -6.67 1.68
C VAL A 241 -12.59 -7.25 0.40
N GLN A 242 -11.53 -6.61 -0.10
CA GLN A 242 -10.74 -7.09 -1.22
C GLN A 242 -9.30 -7.25 -0.77
N PHE A 243 -8.56 -8.13 -1.43
CA PHE A 243 -7.19 -8.41 -1.06
C PHE A 243 -6.24 -8.33 -2.25
N VAL A 244 -4.96 -8.23 -1.93
CA VAL A 244 -3.89 -8.44 -2.91
C VAL A 244 -2.67 -8.96 -2.17
N HIS A 245 -2.03 -9.98 -2.71
CA HIS A 245 -0.76 -10.46 -2.17
C HIS A 245 0.29 -9.37 -2.30
N LEU A 246 1.06 -9.15 -1.23
CA LEU A 246 2.07 -8.10 -1.25
C LEU A 246 3.03 -8.29 -2.42
N ASP A 247 3.35 -9.54 -2.76
CA ASP A 247 4.29 -9.79 -3.85
C ASP A 247 3.71 -9.34 -5.18
N ASP A 248 2.42 -9.60 -5.41
CA ASP A 248 1.80 -9.17 -6.65
C ASP A 248 1.75 -7.65 -6.75
N LEU A 249 1.43 -6.98 -5.65
CA LEU A 249 1.38 -5.53 -5.66
C LEU A 249 2.73 -4.94 -6.03
N CYS A 250 3.79 -5.41 -5.38
CA CYS A 250 5.13 -4.88 -5.67
C CYS A 250 5.53 -5.20 -7.11
N ASP A 251 5.21 -6.40 -7.58
CA ASP A 251 5.47 -6.73 -8.98
C ASP A 251 4.70 -5.80 -9.91
N ALA A 252 3.43 -5.54 -9.59
CA ALA A 252 2.62 -4.66 -10.43
C ALA A 252 3.18 -3.24 -10.44
N GLU A 253 3.69 -2.78 -9.29
CA GLU A 253 4.28 -1.44 -9.24
C GLU A 253 5.54 -1.36 -10.10
N ILE A 254 6.31 -2.44 -10.18
CA ILE A 254 7.47 -2.45 -11.07
C ILE A 254 7.03 -2.61 -12.52
N PHE A 255 6.05 -3.47 -12.76
CA PHE A 255 5.50 -3.62 -14.11
C PHE A 255 5.00 -2.30 -14.64
N LEU A 256 4.20 -1.57 -13.84
CA LEU A 256 3.64 -0.32 -14.31
C LEU A 256 4.73 0.74 -14.48
N PHE A 257 5.83 0.63 -13.74
CA PHE A 257 6.89 1.63 -13.90
C PHE A 257 7.66 1.41 -15.20
N GLU A 258 7.75 0.17 -15.67
CA GLU A 258 8.56 -0.16 -16.83
C GLU A 258 7.76 -0.15 -18.14
N HIS A 259 6.46 -0.33 -18.08
CA HIS A 259 5.66 -0.37 -19.30
C HIS A 259 5.53 1.04 -19.87
N PRO A 260 6.02 1.30 -21.09
CA PRO A 260 5.96 2.67 -21.61
C PRO A 260 4.55 3.18 -21.85
N ALA A 261 3.57 2.29 -21.97
CA ALA A 261 2.19 2.69 -22.28
C ALA A 261 1.36 2.95 -21.04
N ALA A 262 1.85 2.58 -19.85
CA ALA A 262 1.08 2.81 -18.63
C ALA A 262 0.91 4.30 -18.37
N ALA A 263 -0.21 4.65 -17.77
CA ALA A 263 -0.50 6.06 -17.45
C ALA A 263 -1.73 6.10 -16.56
N GLY A 264 -1.68 6.99 -15.56
CA GLY A 264 -2.84 7.23 -14.73
C GLY A 264 -2.98 6.23 -13.59
N ARG A 265 -4.22 6.13 -13.10
CA ARG A 265 -4.54 5.29 -11.95
C ARG A 265 -4.74 3.84 -12.36
N TYR A 266 -4.38 2.92 -11.46
CA TYR A 266 -4.54 1.49 -11.70
C TYR A 266 -5.05 0.82 -10.42
N VAL A 267 -6.09 0.02 -10.57
CA VAL A 267 -6.56 -0.82 -9.48
C VAL A 267 -5.73 -2.10 -9.47
N CYS A 268 -5.31 -2.52 -8.28
CA CYS A 268 -4.47 -3.70 -8.11
C CYS A 268 -5.08 -4.58 -7.02
N SER A 269 -6.24 -5.15 -7.32
CA SER A 269 -6.98 -6.02 -6.41
C SER A 269 -7.19 -7.37 -7.10
N SER A 270 -6.92 -8.46 -6.38
CA SER A 270 -6.99 -9.79 -6.97
C SER A 270 -8.04 -10.70 -6.34
N HIS A 271 -8.74 -10.24 -5.30
CA HIS A 271 -9.74 -11.06 -4.63
C HIS A 271 -10.72 -10.14 -3.92
N ALA A 272 -12.01 -10.47 -4.04
CA ALA A 272 -13.08 -9.75 -3.35
C ALA A 272 -13.96 -10.79 -2.67
N THR A 273 -14.25 -10.58 -1.38
CA THR A 273 -15.09 -11.52 -0.66
C THR A 273 -15.79 -10.81 0.49
N THR A 274 -16.48 -11.58 1.32
CA THR A 274 -17.15 -11.09 2.51
C THR A 274 -16.61 -11.82 3.73
N ILE A 275 -16.91 -11.26 4.91
CA ILE A 275 -16.45 -11.89 6.15
C ILE A 275 -16.92 -13.33 6.22
N HIS A 276 -18.19 -13.58 5.88
CA HIS A 276 -18.71 -14.95 5.93
C HIS A 276 -17.91 -15.88 5.02
N GLY A 277 -17.62 -15.42 3.80
CA GLY A 277 -16.86 -16.25 2.88
C GLY A 277 -15.44 -16.51 3.38
N LEU A 278 -14.82 -15.50 3.98
CA LEU A 278 -13.47 -15.68 4.52
C LEU A 278 -13.48 -16.67 5.67
N ALA A 279 -14.37 -16.47 6.64
CA ALA A 279 -14.50 -17.44 7.73
C ALA A 279 -14.67 -18.85 7.19
N ALA A 280 -15.47 -19.00 6.14
CA ALA A 280 -15.64 -20.31 5.53
C ALA A 280 -14.30 -20.86 5.05
N MET A 281 -13.56 -20.07 4.28
CA MET A 281 -12.29 -20.54 3.74
C MET A 281 -11.33 -20.95 4.85
N LEU A 282 -11.23 -20.13 5.90
CA LEU A 282 -10.28 -20.43 6.97
C LEU A 282 -10.69 -21.68 7.75
N ARG A 283 -12.00 -21.89 7.94
CA ARG A 283 -12.47 -23.09 8.59
C ARG A 283 -11.99 -24.34 7.85
N GLU A 284 -12.31 -24.42 6.56
CA GLU A 284 -11.96 -25.61 5.79
C GLU A 284 -10.47 -25.80 5.67
N ARG A 285 -9.72 -24.69 5.51
CA ARG A 285 -8.31 -24.78 5.20
C ARG A 285 -7.42 -24.85 6.44
N TYR A 286 -7.88 -24.33 7.57
CA TYR A 286 -7.11 -24.36 8.82
C TYR A 286 -7.99 -24.92 9.93
N PRO A 287 -8.14 -26.26 9.94
CA PRO A 287 -8.94 -26.86 11.02
C PRO A 287 -8.32 -26.60 12.38
N GLU A 288 -7.04 -26.21 12.37
CA GLU A 288 -6.30 -26.06 13.62
C GLU A 288 -6.78 -24.85 14.44
N TYR A 289 -7.03 -23.72 13.78
CA TYR A 289 -7.50 -22.52 14.47
C TYR A 289 -9.02 -22.52 14.50
N ARG A 290 -9.59 -22.01 15.59
CA ARG A 290 -11.05 -21.98 15.74
C ARG A 290 -11.58 -20.69 15.14
N ILE A 291 -12.43 -20.83 14.13
CA ILE A 291 -13.02 -19.70 13.42
C ILE A 291 -14.40 -19.41 13.99
N PRO A 292 -14.72 -18.17 14.34
CA PRO A 292 -16.07 -17.88 14.82
C PRO A 292 -17.14 -18.23 13.78
N GLU A 293 -18.35 -18.49 14.28
CA GLU A 293 -19.50 -18.76 13.44
C GLU A 293 -20.40 -17.55 13.27
N ARG A 294 -20.41 -16.68 14.28
CA ARG A 294 -21.13 -15.43 14.26
C ARG A 294 -20.13 -14.37 14.68
N PHE A 295 -20.15 -13.24 13.98
CA PHE A 295 -19.14 -12.20 14.17
C PHE A 295 -19.78 -10.99 14.82
N ARG A 296 -19.19 -10.56 15.93
CA ARG A 296 -19.74 -9.43 16.68
C ARG A 296 -19.84 -8.20 15.80
N GLY A 297 -20.98 -7.52 15.88
CA GLY A 297 -21.19 -6.29 15.15
C GLY A 297 -21.58 -6.46 13.70
N ILE A 298 -21.76 -7.69 13.23
CA ILE A 298 -22.12 -7.94 11.84
C ILE A 298 -23.51 -8.57 11.82
N ASP A 299 -23.61 -9.81 12.30
CA ASP A 299 -24.91 -10.48 12.37
C ASP A 299 -25.61 -10.40 11.00
N ASP A 300 -26.91 -10.13 11.00
CA ASP A 300 -27.66 -9.89 9.76
C ASP A 300 -27.55 -11.15 8.89
N GLY A 301 -27.60 -10.98 7.58
CA GLY A 301 -27.75 -12.11 6.69
C GLY A 301 -27.03 -12.07 5.35
N ASP A 302 -27.40 -11.13 4.48
CA ASP A 302 -26.96 -11.16 3.09
C ASP A 302 -25.85 -10.14 2.84
N LEU A 303 -24.65 -10.64 2.59
CA LEU A 303 -23.52 -9.82 2.19
C LEU A 303 -22.99 -10.35 0.87
N GLN A 304 -22.86 -9.47 -0.12
CA GLN A 304 -22.32 -9.86 -1.41
C GLN A 304 -20.99 -9.15 -1.66
N PRO A 305 -20.03 -9.82 -2.30
CA PRO A 305 -18.72 -9.19 -2.52
C PRO A 305 -18.83 -7.89 -3.30
N VAL A 306 -18.01 -6.93 -2.92
CA VAL A 306 -17.82 -5.69 -3.69
C VAL A 306 -16.50 -5.85 -4.45
N HIS A 307 -16.58 -5.83 -5.77
CA HIS A 307 -15.42 -6.13 -6.59
C HIS A 307 -14.65 -4.87 -6.97
N PHE A 308 -13.32 -4.95 -6.88
CA PHE A 308 -12.43 -3.95 -7.42
C PHE A 308 -11.86 -4.50 -8.72
N SER A 309 -12.20 -3.86 -9.83
CA SER A 309 -11.80 -4.36 -11.13
C SER A 309 -10.38 -3.90 -11.45
N SER A 310 -9.51 -4.87 -11.78
CA SER A 310 -8.14 -4.59 -12.19
C SER A 310 -7.96 -4.71 -13.70
N LYS A 311 -9.03 -4.50 -14.46
CA LYS A 311 -8.98 -4.75 -15.91
C LYS A 311 -7.94 -3.89 -16.59
N LYS A 312 -7.78 -2.63 -16.15
CA LYS A 312 -6.81 -1.76 -16.78
C LYS A 312 -5.41 -2.34 -16.70
N LEU A 313 -5.02 -2.84 -15.52
CA LEU A 313 -3.69 -3.39 -15.34
C LEU A 313 -3.53 -4.72 -16.06
N LEU A 314 -4.53 -5.60 -15.92
CA LEU A 314 -4.45 -6.90 -16.61
C LEU A 314 -4.38 -6.72 -18.11
N ASP A 315 -5.13 -5.76 -18.66
CA ASP A 315 -5.10 -5.52 -20.10
C ASP A 315 -3.68 -5.23 -20.59
N LEU A 316 -2.89 -4.52 -19.79
CA LEU A 316 -1.52 -4.24 -20.17
C LEU A 316 -0.65 -5.49 -20.16
N GLY A 317 -1.15 -6.61 -19.67
CA GLY A 317 -0.41 -7.85 -19.67
C GLY A 317 0.02 -8.35 -18.31
N PHE A 318 -0.29 -7.62 -17.24
CA PHE A 318 0.02 -8.09 -15.90
C PHE A 318 -0.85 -9.29 -15.54
N ALA A 319 -0.33 -10.15 -14.69
CA ALA A 319 -1.07 -11.31 -14.22
C ALA A 319 -0.76 -11.53 -12.75
N PHE A 320 -1.80 -11.78 -11.96
CA PHE A 320 -1.61 -12.07 -10.54
C PHE A 320 -1.07 -13.48 -10.38
N LYS A 321 -0.17 -13.64 -9.42
CA LYS A 321 0.46 -14.93 -9.16
C LYS A 321 -0.19 -15.70 -8.03
N TYR A 322 -0.86 -15.03 -7.09
CA TYR A 322 -1.19 -15.63 -5.82
C TYR A 322 -2.67 -15.56 -5.52
N THR A 323 -3.15 -16.58 -4.82
CA THR A 323 -4.52 -16.68 -4.35
C THR A 323 -4.61 -16.23 -2.89
N VAL A 324 -5.84 -15.98 -2.44
CA VAL A 324 -6.04 -15.62 -1.04
C VAL A 324 -5.49 -16.72 -0.14
N GLU A 325 -5.62 -17.98 -0.58
CA GLU A 325 -5.02 -19.09 0.14
C GLU A 325 -3.51 -18.89 0.27
N ASP A 326 -2.85 -18.51 -0.82
CA ASP A 326 -1.41 -18.23 -0.76
C ASP A 326 -1.12 -17.10 0.21
N MET A 327 -2.00 -16.09 0.27
CA MET A 327 -1.77 -14.94 1.12
C MET A 327 -1.73 -15.34 2.59
N TYR A 328 -2.76 -16.08 3.04
CA TYR A 328 -2.83 -16.42 4.45
C TYR A 328 -1.80 -17.48 4.83
N ASP A 329 -1.56 -18.44 3.93
CA ASP A 329 -0.49 -19.40 4.15
C ASP A 329 0.82 -18.69 4.50
N ALA A 330 1.12 -17.59 3.79
CA ALA A 330 2.37 -16.87 4.02
C ALA A 330 2.27 -15.94 5.22
N ALA A 331 1.11 -15.31 5.42
CA ALA A 331 0.94 -14.45 6.58
C ALA A 331 0.99 -15.25 7.87
N ILE A 332 0.32 -16.41 7.89
CA ILE A 332 0.36 -17.27 9.06
C ILE A 332 1.80 -17.62 9.42
N ARG A 333 2.54 -18.15 8.45
CA ARG A 333 3.88 -18.66 8.72
C ARG A 333 4.78 -17.58 9.27
N THR A 334 4.83 -16.43 8.60
CA THR A 334 5.66 -15.32 9.08
C THR A 334 5.19 -14.80 10.42
N CYS A 335 3.94 -15.06 10.80
CA CYS A 335 3.47 -14.70 12.13
C CYS A 335 3.57 -15.85 13.11
N ARG A 336 3.38 -17.09 12.64
CA ARG A 336 3.61 -18.25 13.49
C ARG A 336 5.02 -18.30 14.05
N GLU A 337 5.98 -17.65 13.37
CA GLU A 337 7.31 -17.53 13.96
C GLU A 337 7.27 -16.68 15.22
N LYS A 338 6.44 -15.64 15.24
CA LYS A 338 6.35 -14.74 16.38
C LYS A 338 5.24 -13.71 16.14
N GLY A 339 4.30 -13.62 17.08
CA GLY A 339 3.22 -12.67 16.99
C GLY A 339 1.84 -13.30 17.00
N LEU A 340 1.72 -14.61 16.81
CA LEU A 340 0.43 -15.27 16.79
C LEU A 340 0.60 -16.66 17.38
N ILE A 341 -0.50 -17.20 17.86
CA ILE A 341 -0.47 -18.54 18.37
C ILE A 341 -0.35 -19.44 17.19
N PRO A 342 0.04 -20.68 17.40
CA PRO A 342 0.08 -21.62 16.28
C PRO A 342 -1.16 -22.46 16.23
PA NAP B . 3.66 1.16 7.07
O1A NAP B . 3.35 1.88 8.38
O2A NAP B . 4.41 -0.09 7.33
O5B NAP B . 4.61 2.15 6.06
C5B NAP B . 4.43 3.55 6.17
C4B NAP B . 5.77 4.22 6.05
O4B NAP B . 5.61 5.51 5.95
C3B NAP B . 6.65 3.94 7.42
O3B NAP B . 7.89 3.16 7.08
C2B NAP B . 6.95 5.05 7.91
O2B NAP B . 8.41 5.09 8.40
C1B NAP B . 6.75 6.10 6.75
N9A NAP B . 6.39 7.29 7.26
C8A NAP B . 5.41 7.68 8.08
N7A NAP B . 5.52 9.00 8.25
C5A NAP B . 6.55 9.43 7.54
C6A NAP B . 7.09 10.68 7.36
N6A NAP B . 6.62 11.91 7.95
N1A NAP B . 8.15 10.84 6.58
C2A NAP B . 8.70 9.76 5.94
N3A NAP B . 8.17 8.52 6.12
C4A NAP B . 7.09 8.36 6.91
O3 NAP B . 2.31 0.79 6.34
PN NAP B . 2.24 0.20 4.71
O1N NAP B . 1.15 -0.79 4.60
O2N NAP B . 3.53 -0.43 4.35
O5D NAP B . 1.92 1.51 3.71
C5D NAP B . 2.74 1.77 2.63
C4D NAP B . 1.85 2.40 1.55
O4D NAP B . 1.02 1.49 1.07
C3D NAP B . 0.97 3.51 2.17
O3D NAP B . 0.98 4.58 1.41
C2D NAP B . -0.46 2.89 2.23
O2D NAP B . -1.47 3.96 2.16
C1D NAP B . -0.47 2.13 1.15
N1N NAP B . -1.44 1.10 1.22
C2N NAP B . -1.30 0.04 2.08
C3N NAP B . -2.25 -0.95 2.11
C7N NAP B . -2.10 -2.16 3.08
O7N NAP B . -2.97 -2.91 3.21
N7N NAP B . -0.84 -2.36 3.82
C4N NAP B . -3.32 -0.90 1.29
C5N NAP B . -3.46 0.16 0.41
C6N NAP B . -2.53 1.15 0.38
P2B NAP B . 8.68 5.06 10.05
O1X NAP B . 7.43 5.50 10.79
O2X NAP B . 9.05 3.63 10.48
O3X NAP B . 9.81 6.00 10.38
C1 DQH C . -4.31 -0.45 6.44
C2 DQH C . -4.45 0.06 5.13
C3 DQH C . -5.64 -0.19 4.41
C4 DQH C . -6.66 -0.93 4.98
C5 DQH C . -6.53 -1.43 6.30
C6 DQH C . -5.35 -1.20 7.03
C9 DQH C . -5.83 0.32 3.01
C10 DQH C . -6.92 -0.25 2.22
C11 DQH C . -8.21 -0.27 3.07
C14 DQH C . -9.39 -0.70 2.26
C15 DQH C . -9.49 -1.98 1.76
C16 DQH C . -10.63 -2.35 0.99
C17 DQH C . -11.63 -1.42 0.76
C18 DQH C . -11.52 -0.12 1.29
C19 DQH C . -10.40 0.22 2.04
O12 DQH C . -7.94 -1.19 4.18
O13 DQH C . -5.11 1.16 2.57
O23 DQH C . -12.55 0.84 1.06
O24 DQH C . -12.79 -1.78 0.00
O27 DQH C . -7.15 0.57 1.00
O29 DQH C . -5.23 -1.69 8.31
O30 DQH C . -3.40 0.81 4.56
#